data_8U77
#
_entry.id   8U77
#
_cell.length_a   46.780
_cell.length_b   64.610
_cell.length_c   64.490
_cell.angle_alpha   90.00
_cell.angle_beta   101.53
_cell.angle_gamma   90.00
#
_symmetry.space_group_name_H-M   'P 1 21 1'
#
loop_
_entity.id
_entity.type
_entity.pdbx_description
1 polymer 'Transcription initiation factor TFIID subunit 14'
2 polymer 'Protein YNG1'
3 water water
#
loop_
_entity_poly.entity_id
_entity_poly.type
_entity_poly.pdbx_seq_one_letter_code
_entity_poly.pdbx_strand_id
1 'polypeptide(L)' SVKGSVDLEKLAFGLTKLNEDDLVGVVQMVTDNKTPEMNVTNNVEEGEFIIDLYSLPEGLLKSLWDYVKKNT A,C,E,G
2 'polypeptide(L)' EPKLLLKINLKK B,D,F,H
#
# COMPACT_ATOMS: atom_id res chain seq x y z
N SER A 5 32.86 -5.80 -4.27
CA SER A 5 31.73 -5.32 -5.05
C SER A 5 30.43 -5.92 -4.51
N VAL A 6 29.47 -5.05 -4.16
CA VAL A 6 28.26 -5.50 -3.50
C VAL A 6 27.39 -6.31 -4.46
N ASP A 7 26.88 -7.44 -3.97
CA ASP A 7 25.91 -8.22 -4.73
C ASP A 7 24.57 -7.50 -4.58
N LEU A 8 24.08 -6.94 -5.69
CA LEU A 8 22.93 -6.03 -5.60
C LEU A 8 21.64 -6.76 -5.25
N GLU A 9 21.48 -8.01 -5.69
CA GLU A 9 20.26 -8.75 -5.40
C GLU A 9 20.22 -9.18 -3.95
N LYS A 10 21.38 -9.56 -3.39
CA LYS A 10 21.46 -9.84 -1.96
C LYS A 10 21.25 -8.57 -1.14
N LEU A 11 21.71 -7.44 -1.66
CA LEU A 11 21.45 -6.16 -0.99
C LEU A 11 19.97 -5.86 -0.96
N ALA A 12 19.30 -5.97 -2.11
CA ALA A 12 17.88 -5.66 -2.17
C ALA A 12 17.10 -6.57 -1.23
N PHE A 13 17.40 -7.86 -1.25
CA PHE A 13 16.75 -8.79 -0.32
C PHE A 13 17.03 -8.42 1.12
N GLY A 14 18.30 -8.16 1.44
CA GLY A 14 18.66 -7.84 2.82
C GLY A 14 18.01 -6.57 3.31
N LEU A 15 17.78 -5.61 2.41
CA LEU A 15 17.11 -4.37 2.79
C LEU A 15 15.70 -4.63 3.31
N THR A 16 15.01 -5.64 2.76
CA THR A 16 13.66 -5.95 3.24
C THR A 16 13.68 -6.61 4.60
N LYS A 17 14.85 -7.00 5.10
CA LYS A 17 14.96 -7.63 6.40
C LYS A 17 15.12 -6.61 7.52
N LEU A 18 15.22 -5.33 7.18
CA LEU A 18 15.33 -4.28 8.19
C LEU A 18 13.97 -3.98 8.79
N ASN A 19 13.97 -3.54 10.05
CA ASN A 19 12.73 -3.05 10.61
C ASN A 19 12.37 -1.69 10.00
N GLU A 20 11.20 -1.18 10.38
CA GLU A 20 10.67 0.03 9.74
C GLU A 20 11.59 1.22 9.94
N ASP A 21 12.06 1.43 11.17
CA ASP A 21 12.95 2.56 11.43
C ASP A 21 14.24 2.45 10.64
N ASP A 22 14.86 1.25 10.64
CA ASP A 22 16.11 1.10 9.91
C ASP A 22 15.91 1.26 8.41
N LEU A 23 14.76 0.86 7.89
CA LEU A 23 14.53 1.03 6.46
C LEU A 23 14.31 2.50 6.11
N VAL A 24 13.66 3.25 7.01
CA VAL A 24 13.58 4.70 6.85
C VAL A 24 14.97 5.31 6.87
N GLY A 25 15.87 4.77 7.69
CA GLY A 25 17.25 5.22 7.68
C GLY A 25 17.94 4.98 6.35
N VAL A 26 17.59 3.87 5.68
CA VAL A 26 18.08 3.64 4.32
C VAL A 26 17.57 4.73 3.38
N VAL A 27 16.28 5.04 3.48
CA VAL A 27 15.69 6.10 2.67
C VAL A 27 16.40 7.42 2.94
N GLN A 28 16.68 7.70 4.21
CA GLN A 28 17.38 8.93 4.58
C GLN A 28 18.76 8.99 3.92
N MET A 29 19.53 7.90 4.05
CA MET A 29 20.87 7.90 3.47
C MET A 29 20.82 8.05 1.95
N VAL A 30 19.86 7.41 1.30
CA VAL A 30 19.80 7.48 -0.16
C VAL A 30 19.39 8.87 -0.61
N THR A 31 18.36 9.45 0.01
CA THR A 31 17.93 10.77 -0.44
C THR A 31 18.99 11.82 -0.13
N ASP A 32 19.76 11.66 0.95
CA ASP A 32 20.80 12.63 1.27
C ASP A 32 21.99 12.55 0.31
N ASN A 33 22.15 11.44 -0.39
CA ASN A 33 23.30 11.25 -1.26
C ASN A 33 22.91 11.20 -2.74
N LYS A 34 21.63 11.32 -3.04
CA LYS A 34 21.16 11.06 -4.39
C LYS A 34 21.45 12.22 -5.33
N THR A 35 21.63 11.87 -6.59
CA THR A 35 21.75 12.78 -7.72
C THR A 35 20.75 12.31 -8.76
N PRO A 36 20.41 13.16 -9.74
CA PRO A 36 19.44 12.70 -10.76
C PRO A 36 19.89 11.43 -11.48
N GLU A 37 21.20 11.21 -11.64
CA GLU A 37 21.67 10.04 -12.37
C GLU A 37 21.48 8.73 -11.63
N MET A 38 21.24 8.75 -10.31
CA MET A 38 21.02 7.47 -9.65
C MET A 38 19.58 6.99 -9.72
N ASN A 39 18.71 7.71 -10.43
CA ASN A 39 17.40 7.20 -10.85
C ASN A 39 16.55 6.76 -9.66
N VAL A 40 16.66 7.50 -8.56
CA VAL A 40 15.83 7.26 -7.39
C VAL A 40 14.48 7.94 -7.61
N THR A 41 13.41 7.17 -7.51
CA THR A 41 12.07 7.73 -7.60
C THR A 41 11.58 8.06 -6.20
N ASN A 42 11.17 9.31 -6.00
CA ASN A 42 10.56 9.74 -4.74
C ASN A 42 9.27 10.47 -5.07
N ASN A 43 8.17 9.73 -5.10
CA ASN A 43 6.84 10.32 -5.22
C ASN A 43 6.53 11.01 -3.90
N VAL A 44 6.81 12.31 -3.87
N VAL A 44 6.80 12.32 -3.87
CA VAL A 44 6.69 13.09 -2.63
CA VAL A 44 6.70 13.09 -2.64
C VAL A 44 5.24 13.18 -2.19
C VAL A 44 5.24 13.18 -2.19
N GLU A 45 4.31 13.28 -3.14
CA GLU A 45 2.88 13.30 -2.79
C GLU A 45 2.46 12.01 -2.09
N GLU A 46 2.96 10.87 -2.56
CA GLU A 46 2.50 9.58 -2.07
C GLU A 46 3.39 9.02 -0.97
N GLY A 47 4.46 9.71 -0.60
CA GLY A 47 5.36 9.22 0.43
C GLY A 47 6.03 7.92 0.10
N GLU A 48 6.36 7.69 -1.17
CA GLU A 48 6.95 6.44 -1.59
C GLU A 48 8.26 6.67 -2.33
N PHE A 49 9.16 5.72 -2.13
CA PHE A 49 10.49 5.72 -2.73
C PHE A 49 10.62 4.45 -3.56
N ILE A 50 11.26 4.56 -4.71
CA ILE A 50 11.67 3.38 -5.46
C ILE A 50 13.16 3.49 -5.71
N ILE A 51 13.93 2.59 -5.12
CA ILE A 51 15.38 2.57 -5.25
C ILE A 51 15.77 1.57 -6.32
N ASP A 52 16.55 2.04 -7.29
CA ASP A 52 17.18 1.19 -8.30
C ASP A 52 18.65 1.07 -7.89
N LEU A 53 18.98 -0.03 -7.22
CA LEU A 53 20.34 -0.22 -6.73
C LEU A 53 21.34 -0.25 -7.88
N TYR A 54 20.90 -0.66 -9.07
CA TYR A 54 21.78 -0.79 -10.22
C TYR A 54 22.25 0.55 -10.76
N SER A 55 21.66 1.65 -10.29
CA SER A 55 22.05 3.00 -10.69
C SER A 55 22.83 3.73 -9.62
N LEU A 56 23.11 3.06 -8.44
CA LEU A 56 23.82 3.71 -7.36
C LEU A 56 25.32 3.49 -7.50
N PRO A 57 26.13 4.45 -7.07
CA PRO A 57 27.58 4.26 -7.07
C PRO A 57 28.00 3.23 -6.04
N GLU A 58 29.20 2.66 -6.27
CA GLU A 58 29.65 1.53 -5.47
C GLU A 58 29.86 1.89 -4.00
N GLY A 59 30.28 3.13 -3.72
CA GLY A 59 30.46 3.54 -2.33
C GLY A 59 29.14 3.55 -1.56
N LEU A 60 28.09 4.09 -2.18
CA LEU A 60 26.79 4.10 -1.54
C LEU A 60 26.25 2.68 -1.37
N LEU A 61 26.44 1.83 -2.39
CA LEU A 61 26.03 0.44 -2.28
C LEU A 61 26.76 -0.26 -1.14
N LYS A 62 28.06 0.00 -1.01
CA LYS A 62 28.82 -0.57 0.10
C LYS A 62 28.30 -0.06 1.44
N SER A 63 27.99 1.23 1.53
CA SER A 63 27.43 1.77 2.77
C SER A 63 26.10 1.11 3.10
N LEU A 64 25.26 0.88 2.08
CA LEU A 64 23.98 0.23 2.31
C LEU A 64 24.16 -1.21 2.76
N TRP A 65 25.10 -1.93 2.13
CA TRP A 65 25.33 -3.33 2.49
C TRP A 65 25.82 -3.45 3.93
N ASP A 66 26.83 -2.66 4.29
CA ASP A 66 27.31 -2.67 5.68
C ASP A 66 26.20 -2.28 6.64
N TYR A 67 25.33 -1.33 6.23
CA TYR A 67 24.20 -0.93 7.06
C TYR A 67 23.25 -2.10 7.28
N VAL A 68 23.00 -2.89 6.23
CA VAL A 68 22.14 -4.06 6.37
C VAL A 68 22.76 -5.08 7.30
N LYS A 69 24.06 -5.37 7.11
CA LYS A 69 24.74 -6.34 7.96
C LYS A 69 24.75 -5.89 9.42
N LYS A 70 24.96 -4.59 9.65
CA LYS A 70 25.04 -4.09 11.02
C LYS A 70 23.68 -4.14 11.73
N ASN A 71 22.58 -4.07 10.99
CA ASN A 71 21.26 -3.98 11.59
C ASN A 71 20.43 -5.24 11.39
N THR A 72 21.09 -6.36 11.11
CA THR A 72 20.44 -7.66 11.08
C THR A 72 21.36 -8.67 11.76
N GLU B 1 16.87 -10.03 -18.54
CA GLU B 1 17.75 -9.45 -17.52
C GLU B 1 16.95 -8.96 -16.33
N PRO B 2 17.16 -9.59 -15.17
CA PRO B 2 16.38 -9.26 -13.98
C PRO B 2 16.99 -8.14 -13.15
N LYS B 3 16.12 -7.27 -12.65
CA LYS B 3 16.52 -6.23 -11.71
C LYS B 3 15.50 -6.17 -10.58
N LEU B 4 15.98 -6.24 -9.35
CA LEU B 4 15.11 -6.06 -8.20
C LEU B 4 15.01 -4.58 -7.89
N LEU B 5 13.81 -4.02 -8.04
CA LEU B 5 13.54 -2.67 -7.60
C LEU B 5 12.98 -2.71 -6.17
N LEU B 6 13.48 -1.83 -5.32
CA LEU B 6 13.05 -1.77 -3.93
C LEU B 6 12.10 -0.57 -3.78
N LYS B 7 10.82 -0.87 -3.59
CA LYS B 7 9.82 0.15 -3.35
C LYS B 7 9.57 0.24 -1.86
N ILE B 8 9.68 1.44 -1.31
CA ILE B 8 9.48 1.68 0.11
C ILE B 8 8.38 2.71 0.26
N ASN B 9 7.31 2.33 0.95
CA ASN B 9 6.19 3.24 1.20
C ASN B 9 6.31 3.73 2.64
N LEU B 10 6.31 5.05 2.79
CA LEU B 10 6.46 5.67 4.09
C LEU B 10 5.11 6.04 4.68
N LYS B 11 5.13 6.30 5.99
CA LYS B 11 3.96 6.84 6.66
C LYS B 11 3.59 8.18 6.03
N LYS B 12 2.31 8.48 5.98
CA LYS B 12 1.89 9.76 5.40
C LYS B 12 1.48 10.75 6.48
N SER C 1 5.75 -9.40 2.58
CA SER C 1 6.36 -10.53 3.28
C SER C 1 5.86 -11.89 2.76
N VAL C 2 4.72 -12.36 3.26
CA VAL C 2 4.24 -13.71 2.97
C VAL C 2 2.75 -13.65 2.62
N LYS C 3 2.40 -14.12 1.42
CA LYS C 3 1.01 -14.36 1.04
C LYS C 3 0.75 -15.86 1.17
N GLY C 4 -0.02 -16.24 2.19
CA GLY C 4 -0.27 -17.64 2.47
C GLY C 4 1.00 -18.35 2.89
N SER C 5 1.51 -19.24 2.04
CA SER C 5 2.72 -19.98 2.33
C SER C 5 3.94 -19.50 1.55
N VAL C 6 3.77 -18.65 0.55
CA VAL C 6 4.90 -18.22 -0.28
C VAL C 6 5.55 -17.00 0.35
N ASP C 7 6.85 -17.09 0.56
CA ASP C 7 7.67 -15.95 1.01
C ASP C 7 7.98 -15.12 -0.22
N LEU C 8 7.39 -13.92 -0.29
CA LEU C 8 7.47 -13.13 -1.52
C LEU C 8 8.87 -12.61 -1.78
N GLU C 9 9.59 -12.17 -0.74
CA GLU C 9 10.94 -11.66 -0.96
C GLU C 9 11.90 -12.79 -1.32
N LYS C 10 11.76 -13.95 -0.67
CA LYS C 10 12.55 -15.11 -1.06
C LYS C 10 12.31 -15.47 -2.52
N LEU C 11 11.05 -15.40 -2.95
CA LEU C 11 10.72 -15.71 -4.34
C LEU C 11 11.29 -14.67 -5.29
N ALA C 12 11.15 -13.38 -4.95
CA ALA C 12 11.71 -12.33 -5.80
C ALA C 12 13.20 -12.52 -5.96
N PHE C 13 13.90 -12.78 -4.86
CA PHE C 13 15.35 -12.98 -4.91
C PHE C 13 15.70 -14.21 -5.75
N GLY C 14 14.98 -15.31 -5.54
CA GLY C 14 15.27 -16.51 -6.32
C GLY C 14 14.99 -16.34 -7.80
N LEU C 15 13.99 -15.51 -8.14
CA LEU C 15 13.72 -15.24 -9.54
C LEU C 15 14.93 -14.64 -10.25
N THR C 16 15.75 -13.85 -9.54
CA THR C 16 16.93 -13.25 -10.15
C THR C 16 18.06 -14.25 -10.39
N LYS C 17 17.99 -15.46 -9.83
CA LYS C 17 18.98 -16.48 -10.10
C LYS C 17 18.69 -17.26 -11.38
N LEU C 18 17.51 -17.08 -11.96
CA LEU C 18 17.18 -17.74 -13.21
C LEU C 18 17.94 -17.11 -14.37
N ASN C 19 18.23 -17.91 -15.38
CA ASN C 19 18.86 -17.37 -16.58
C ASN C 19 17.81 -16.67 -17.43
N GLU C 20 18.25 -16.08 -18.54
CA GLU C 20 17.36 -15.29 -19.37
C GLU C 20 16.19 -16.12 -19.89
N ASP C 21 16.48 -17.33 -20.39
CA ASP C 21 15.41 -18.15 -20.97
C ASP C 21 14.35 -18.51 -19.93
N ASP C 22 14.78 -18.86 -18.73
CA ASP C 22 13.83 -19.22 -17.68
C ASP C 22 13.02 -18.01 -17.24
N LEU C 23 13.66 -16.84 -17.21
CA LEU C 23 12.96 -15.62 -16.82
C LEU C 23 11.91 -15.23 -17.86
N VAL C 24 12.25 -15.40 -19.14
CA VAL C 24 11.25 -15.20 -20.19
C VAL C 24 10.09 -16.16 -20.01
N GLY C 25 10.38 -17.40 -19.62
CA GLY C 25 9.31 -18.34 -19.31
C GLY C 25 8.44 -17.86 -18.17
N VAL C 26 9.05 -17.28 -17.14
CA VAL C 26 8.28 -16.68 -16.04
C VAL C 26 7.39 -15.56 -16.57
N VAL C 27 7.97 -14.64 -17.34
CA VAL C 27 7.19 -13.52 -17.88
C VAL C 27 6.05 -14.04 -18.74
N GLN C 28 6.35 -15.05 -19.58
CA GLN C 28 5.33 -15.65 -20.43
C GLN C 28 4.18 -16.20 -19.59
N MET C 29 4.52 -16.95 -18.56
CA MET C 29 3.49 -17.60 -17.75
C MET C 29 2.66 -16.57 -16.99
N VAL C 30 3.30 -15.51 -16.51
CA VAL C 30 2.57 -14.44 -15.83
C VAL C 30 1.68 -13.68 -16.82
N THR C 31 2.22 -13.34 -17.99
CA THR C 31 1.44 -12.60 -18.99
C THR C 31 0.22 -13.40 -19.43
N ASP C 32 0.38 -14.72 -19.58
CA ASP C 32 -0.74 -15.54 -20.03
C ASP C 32 -1.84 -15.62 -18.98
N ASN C 33 -1.48 -15.59 -17.71
CA ASN C 33 -2.45 -15.75 -16.63
C ASN C 33 -2.87 -14.43 -16.00
N LYS C 34 -2.35 -13.30 -16.48
CA LYS C 34 -2.56 -12.09 -15.72
C LYS C 34 -3.97 -11.53 -15.92
N THR C 35 -4.40 -10.78 -14.92
CA THR C 35 -5.60 -9.97 -14.95
C THR C 35 -5.17 -8.57 -14.56
N PRO C 36 -5.99 -7.55 -14.83
CA PRO C 36 -5.66 -6.19 -14.36
C PRO C 36 -5.67 -6.05 -12.84
N GLU C 37 -6.03 -7.09 -12.10
CA GLU C 37 -5.92 -7.06 -10.64
C GLU C 37 -4.53 -7.48 -10.15
N MET C 38 -3.67 -8.00 -11.02
CA MET C 38 -2.38 -8.50 -10.58
C MET C 38 -1.25 -7.49 -10.72
N ASN C 39 -1.54 -6.27 -11.18
CA ASN C 39 -0.53 -5.21 -11.23
C ASN C 39 0.73 -5.64 -11.98
N VAL C 40 0.54 -6.38 -13.07
CA VAL C 40 1.66 -6.70 -13.94
C VAL C 40 1.87 -5.53 -14.88
N THR C 41 3.06 -4.96 -14.87
CA THR C 41 3.41 -3.85 -15.74
C THR C 41 4.17 -4.37 -16.94
N ASN C 42 3.69 -4.04 -18.12
CA ASN C 42 4.44 -4.30 -19.35
C ASN C 42 4.48 -2.99 -20.13
N ASN C 43 5.60 -2.29 -20.04
N ASN C 43 5.59 -2.27 -20.01
CA ASN C 43 5.82 -1.11 -20.86
CA ASN C 43 5.85 -1.12 -20.87
C ASN C 43 6.21 -1.63 -22.24
C ASN C 43 6.21 -1.68 -22.24
N VAL C 44 5.23 -1.71 -23.14
CA VAL C 44 5.39 -2.43 -24.40
C VAL C 44 6.51 -1.82 -25.24
N GLU C 45 6.51 -0.49 -25.36
CA GLU C 45 7.51 0.18 -26.19
C GLU C 45 8.93 -0.09 -25.68
N GLU C 46 9.10 -0.18 -24.37
CA GLU C 46 10.42 -0.36 -23.78
C GLU C 46 10.82 -1.82 -23.61
N GLY C 47 9.92 -2.76 -23.93
CA GLY C 47 10.21 -4.17 -23.68
C GLY C 47 10.42 -4.47 -22.22
N GLU C 48 9.72 -3.76 -21.35
CA GLU C 48 9.97 -3.77 -19.91
C GLU C 48 8.82 -4.49 -19.24
N PHE C 49 9.14 -5.39 -18.31
CA PHE C 49 8.14 -6.11 -17.53
C PHE C 49 8.47 -5.89 -16.07
N ILE C 50 7.49 -5.50 -15.27
CA ILE C 50 7.64 -5.39 -13.83
C ILE C 50 6.60 -6.30 -13.18
N ILE C 51 7.07 -7.31 -12.46
CA ILE C 51 6.21 -8.25 -11.78
C ILE C 51 6.07 -7.80 -10.33
N ASP C 52 4.84 -7.65 -9.88
CA ASP C 52 4.51 -7.34 -8.49
C ASP C 52 3.99 -8.63 -7.87
N LEU C 53 4.89 -9.40 -7.24
CA LEU C 53 4.50 -10.67 -6.62
C LEU C 53 3.43 -10.46 -5.57
N TYR C 54 3.45 -9.31 -4.91
CA TYR C 54 2.49 -9.00 -3.86
C TYR C 54 1.06 -8.94 -4.37
N SER C 55 0.87 -8.72 -5.67
CA SER C 55 -0.46 -8.65 -6.28
C SER C 55 -0.84 -9.91 -7.03
N LEU C 56 0.01 -10.94 -7.02
CA LEU C 56 -0.28 -12.22 -7.64
C LEU C 56 -1.03 -13.13 -6.66
N PRO C 57 -2.05 -13.84 -7.11
CA PRO C 57 -2.71 -14.80 -6.22
C PRO C 57 -1.77 -15.95 -5.89
N GLU C 58 -2.07 -16.63 -4.79
CA GLU C 58 -1.14 -17.62 -4.26
C GLU C 58 -0.94 -18.80 -5.20
N GLY C 59 -1.98 -19.19 -5.95
CA GLY C 59 -1.81 -20.28 -6.89
C GLY C 59 -0.72 -19.99 -7.91
N LEU C 60 -0.75 -18.78 -8.48
CA LEU C 60 0.32 -18.30 -9.35
C LEU C 60 1.66 -18.28 -8.62
N LEU C 61 1.68 -17.79 -7.38
CA LEU C 61 2.92 -17.66 -6.62
C LEU C 61 3.53 -19.03 -6.32
N LYS C 62 2.70 -20.01 -5.98
CA LYS C 62 3.20 -21.36 -5.72
C LYS C 62 3.82 -21.97 -6.95
N SER C 63 3.21 -21.75 -8.12
CA SER C 63 3.78 -22.25 -9.36
C SER C 63 5.14 -21.63 -9.64
N LEU C 64 5.29 -20.33 -9.35
CA LEU C 64 6.59 -19.69 -9.53
C LEU C 64 7.61 -20.18 -8.52
N TRP C 65 7.22 -20.23 -7.24
CA TRP C 65 8.16 -20.59 -6.19
C TRP C 65 8.62 -22.03 -6.34
N ASP C 66 7.70 -22.94 -6.71
CA ASP C 66 8.07 -24.33 -6.94
C ASP C 66 9.17 -24.41 -8.01
N TYR C 67 9.00 -23.68 -9.10
CA TYR C 67 10.00 -23.69 -10.17
C TYR C 67 11.30 -23.06 -9.69
N VAL C 68 11.22 -21.90 -9.04
CA VAL C 68 12.42 -21.19 -8.60
C VAL C 68 13.17 -21.99 -7.55
N LYS C 69 12.47 -22.45 -6.51
CA LYS C 69 13.12 -23.17 -5.42
C LYS C 69 13.86 -24.39 -5.94
N LYS C 70 13.25 -25.11 -6.89
CA LYS C 70 13.86 -26.32 -7.41
C LYS C 70 15.06 -26.01 -8.30
N ASN C 71 15.03 -24.88 -8.98
CA ASN C 71 16.08 -24.54 -9.95
C ASN C 71 16.97 -23.41 -9.48
N GLU D 1 7.90 0.28 4.80
CA GLU D 1 7.24 -0.88 4.20
C GLU D 1 7.83 -1.22 2.84
N PRO D 2 8.67 -2.24 2.79
CA PRO D 2 9.37 -2.58 1.54
C PRO D 2 8.57 -3.55 0.66
N LYS D 3 8.67 -3.32 -0.64
CA LYS D 3 8.20 -4.27 -1.65
C LYS D 3 9.31 -4.46 -2.67
N LEU D 4 9.68 -5.71 -2.95
CA LEU D 4 10.61 -6.00 -4.02
C LEU D 4 9.83 -6.18 -5.32
N LEU D 5 10.08 -5.28 -6.27
CA LEU D 5 9.51 -5.40 -7.60
C LEU D 5 10.55 -6.03 -8.53
N LEU D 6 10.11 -6.93 -9.39
CA LEU D 6 11.00 -7.63 -10.30
C LEU D 6 10.84 -7.02 -11.70
N LYS D 7 11.85 -6.27 -12.12
CA LYS D 7 11.88 -5.65 -13.44
C LYS D 7 12.66 -6.56 -14.38
N ILE D 8 12.04 -6.87 -15.51
CA ILE D 8 12.64 -7.75 -16.51
C ILE D 8 12.69 -6.99 -17.82
N ASN D 9 13.91 -6.69 -18.28
CA ASN D 9 14.15 -5.97 -19.52
C ASN D 9 14.44 -6.99 -20.61
N LEU D 10 13.55 -7.05 -21.60
CA LEU D 10 13.65 -8.05 -22.65
C LEU D 10 14.04 -7.48 -24.00
N LYS D 11 14.10 -6.16 -24.15
CA LYS D 11 14.34 -5.56 -25.45
C LYS D 11 15.82 -5.68 -25.81
N LYS D 12 16.09 -6.09 -27.04
CA LYS D 12 17.45 -6.26 -27.53
C LYS D 12 17.92 -5.03 -28.33
N VAL E 6 -1.96 4.10 -6.18
CA VAL E 6 -3.30 4.63 -5.94
C VAL E 6 -3.31 5.50 -4.69
N ASP E 7 -3.96 6.66 -4.78
CA ASP E 7 -4.21 7.49 -3.60
C ASP E 7 -5.35 6.85 -2.82
N LEU E 8 -5.02 6.26 -1.66
CA LEU E 8 -5.99 5.44 -0.95
C LEU E 8 -7.08 6.29 -0.29
N GLU E 9 -6.75 7.51 0.10
CA GLU E 9 -7.76 8.39 0.69
C GLU E 9 -8.75 8.86 -0.37
N LYS E 10 -8.25 9.19 -1.57
CA LYS E 10 -9.15 9.50 -2.66
C LYS E 10 -9.95 8.27 -3.09
N LEU E 11 -9.33 7.08 -3.04
CA LEU E 11 -10.06 5.88 -3.41
C LEU E 11 -11.18 5.59 -2.42
N ALA E 12 -10.89 5.69 -1.12
CA ALA E 12 -11.92 5.49 -0.11
C ALA E 12 -13.07 6.46 -0.30
N PHE E 13 -12.77 7.75 -0.48
CA PHE E 13 -13.81 8.74 -0.68
C PHE E 13 -14.59 8.46 -1.97
N GLY E 14 -13.88 8.15 -3.05
CA GLY E 14 -14.56 7.87 -4.31
C GLY E 14 -15.47 6.66 -4.23
N LEU E 15 -15.07 5.66 -3.44
CA LEU E 15 -15.89 4.47 -3.29
C LEU E 15 -17.26 4.81 -2.67
N THR E 16 -17.33 5.86 -1.86
CA THR E 16 -18.59 6.29 -1.28
C THR E 16 -19.49 6.99 -2.28
N LYS E 17 -18.98 7.32 -3.46
CA LYS E 17 -19.79 7.95 -4.50
C LYS E 17 -20.37 6.95 -5.47
N LEU E 18 -20.10 5.66 -5.27
CA LEU E 18 -20.74 4.62 -6.07
C LEU E 18 -22.19 4.47 -5.64
N ASN E 19 -23.04 4.08 -6.58
CA ASN E 19 -24.39 3.71 -6.20
C ASN E 19 -24.37 2.38 -5.43
N GLU E 20 -25.53 1.99 -4.92
CA GLU E 20 -25.59 0.80 -4.06
C GLU E 20 -25.10 -0.45 -4.78
N ASP E 21 -25.60 -0.69 -5.99
CA ASP E 21 -25.23 -1.92 -6.71
C ASP E 21 -23.74 -1.95 -7.02
N ASP E 22 -23.17 -0.83 -7.46
CA ASP E 22 -21.73 -0.82 -7.75
C ASP E 22 -20.92 -1.02 -6.49
N LEU E 23 -21.37 -0.47 -5.36
CA LEU E 23 -20.65 -0.66 -4.11
C LEU E 23 -20.72 -2.12 -3.67
N VAL E 24 -21.89 -2.74 -3.81
CA VAL E 24 -21.99 -4.17 -3.50
C VAL E 24 -21.05 -4.95 -4.43
N GLY E 25 -20.92 -4.52 -5.68
CA GLY E 25 -19.96 -5.12 -6.58
C GLY E 25 -18.52 -5.00 -6.09
N VAL E 26 -18.19 -3.86 -5.46
CA VAL E 26 -16.87 -3.71 -4.83
C VAL E 26 -16.70 -4.73 -3.71
N VAL E 27 -17.70 -4.83 -2.84
CA VAL E 27 -17.65 -5.81 -1.76
C VAL E 27 -17.51 -7.21 -2.34
N GLN E 28 -18.26 -7.50 -3.40
CA GLN E 28 -18.17 -8.81 -4.04
C GLN E 28 -16.75 -9.10 -4.50
N MET E 29 -16.09 -8.13 -5.14
CA MET E 29 -14.80 -8.49 -5.72
C MET E 29 -13.74 -8.54 -4.63
N VAL E 30 -13.84 -7.69 -3.61
CA VAL E 30 -12.89 -7.80 -2.50
C VAL E 30 -13.05 -9.14 -1.80
N THR E 31 -14.30 -9.53 -1.52
CA THR E 31 -14.55 -10.82 -0.90
C THR E 31 -13.99 -11.96 -1.75
N ASP E 32 -14.14 -11.89 -3.07
CA ASP E 32 -13.63 -12.97 -3.92
C ASP E 32 -12.12 -13.04 -3.89
N ASN E 33 -11.44 -11.88 -3.84
CA ASN E 33 -10.00 -11.85 -3.94
C ASN E 33 -9.28 -11.83 -2.59
N LYS E 34 -10.01 -11.81 -1.48
CA LYS E 34 -9.38 -11.53 -0.21
C LYS E 34 -8.61 -12.74 0.32
N THR E 35 -7.56 -12.44 1.07
CA THR E 35 -6.80 -13.39 1.86
C THR E 35 -6.84 -12.84 3.27
N PRO E 36 -6.48 -13.66 4.27
CA PRO E 36 -6.44 -13.11 5.64
C PRO E 36 -5.52 -11.91 5.80
N GLU E 37 -4.39 -11.88 5.09
CA GLU E 37 -3.45 -10.76 5.22
C GLU E 37 -4.07 -9.44 4.82
N MET E 38 -5.21 -9.47 4.15
CA MET E 38 -5.84 -8.29 3.61
C MET E 38 -6.70 -7.58 4.63
N ASN E 39 -6.93 -8.20 5.80
CA ASN E 39 -7.60 -7.57 6.94
C ASN E 39 -8.98 -7.02 6.58
N VAL E 40 -9.67 -7.74 5.71
CA VAL E 40 -11.08 -7.45 5.44
C VAL E 40 -11.91 -7.97 6.61
N THR E 41 -12.79 -7.13 7.12
CA THR E 41 -13.72 -7.52 8.17
C THR E 41 -15.09 -7.82 7.54
N ASN E 42 -15.62 -9.00 7.82
CA ASN E 42 -16.97 -9.35 7.38
C ASN E 42 -17.67 -10.09 8.52
N ASN E 43 -18.51 -9.37 9.26
CA ASN E 43 -19.39 -9.99 10.24
C ASN E 43 -20.59 -10.52 9.47
N VAL E 44 -20.61 -11.84 9.23
CA VAL E 44 -21.43 -12.39 8.17
C VAL E 44 -22.91 -12.32 8.52
N GLU E 45 -23.25 -12.48 9.81
CA GLU E 45 -24.64 -12.41 10.22
C GLU E 45 -25.21 -11.02 9.98
N GLU E 46 -24.40 -9.98 10.19
CA GLU E 46 -24.87 -8.61 10.17
C GLU E 46 -24.72 -7.95 8.79
N GLY E 47 -24.15 -8.65 7.82
CA GLY E 47 -23.99 -8.06 6.49
C GLY E 47 -23.14 -6.81 6.53
N GLU E 48 -22.13 -6.77 7.39
CA GLU E 48 -21.29 -5.61 7.56
C GLU E 48 -19.88 -5.94 7.12
N PHE E 49 -19.34 -5.10 6.24
CA PHE E 49 -17.98 -5.26 5.74
C PHE E 49 -17.20 -4.01 6.10
N ILE E 50 -15.94 -4.21 6.48
CA ILE E 50 -15.02 -3.11 6.69
C ILE E 50 -13.81 -3.39 5.81
N ILE E 51 -13.56 -2.52 4.84
CA ILE E 51 -12.44 -2.68 3.94
C ILE E 51 -11.33 -1.73 4.39
N ASP E 52 -10.16 -2.29 4.61
CA ASP E 52 -8.95 -1.53 4.92
C ASP E 52 -8.12 -1.53 3.63
N LEU E 53 -8.27 -0.46 2.84
CA LEU E 53 -7.55 -0.39 1.57
C LEU E 53 -6.05 -0.45 1.76
N TYR E 54 -5.55 -0.09 2.94
CA TYR E 54 -4.11 -0.08 3.18
C TYR E 54 -3.53 -1.47 3.31
N SER E 55 -4.38 -2.50 3.42
CA SER E 55 -3.94 -3.88 3.52
C SER E 55 -4.17 -4.67 2.24
N LEU E 56 -4.70 -4.03 1.19
CA LEU E 56 -4.94 -4.62 -0.12
C LEU E 56 -3.71 -4.47 -0.99
N PRO E 57 -3.41 -5.46 -1.84
CA PRO E 57 -2.27 -5.33 -2.75
C PRO E 57 -2.56 -4.28 -3.80
N GLU E 58 -1.48 -3.69 -4.35
CA GLU E 58 -1.63 -2.57 -5.27
C GLU E 58 -2.50 -2.94 -6.47
N GLY E 59 -2.42 -4.18 -6.95
CA GLY E 59 -3.22 -4.58 -8.09
C GLY E 59 -4.71 -4.45 -7.82
N LEU E 60 -5.14 -4.84 -6.62
CA LEU E 60 -6.54 -4.68 -6.27
C LEU E 60 -6.91 -3.21 -6.16
N LEU E 61 -6.04 -2.38 -5.58
CA LEU E 61 -6.36 -0.96 -5.49
C LEU E 61 -6.47 -0.32 -6.86
N LYS E 62 -5.56 -0.67 -7.76
CA LYS E 62 -5.61 -0.07 -9.09
C LYS E 62 -6.89 -0.48 -9.82
N SER E 63 -7.30 -1.74 -9.68
CA SER E 63 -8.55 -2.17 -10.27
C SER E 63 -9.75 -1.45 -9.63
N LEU E 64 -9.72 -1.28 -8.32
CA LEU E 64 -10.77 -0.51 -7.64
C LEU E 64 -10.80 0.94 -8.13
N TRP E 65 -9.63 1.55 -8.27
CA TRP E 65 -9.57 2.95 -8.64
C TRP E 65 -10.15 3.16 -10.04
N ASP E 66 -9.82 2.27 -10.97
CA ASP E 66 -10.38 2.37 -12.31
C ASP E 66 -11.87 2.12 -12.28
N TYR E 67 -12.32 1.17 -11.46
CA TYR E 67 -13.75 0.90 -11.31
C TYR E 67 -14.50 2.14 -10.82
N VAL E 68 -13.87 2.91 -9.93
CA VAL E 68 -14.52 4.11 -9.40
C VAL E 68 -14.64 5.17 -10.50
N LYS E 69 -13.56 5.39 -11.27
CA LYS E 69 -13.66 6.26 -12.44
C LYS E 69 -14.70 5.76 -13.44
N LYS E 70 -14.67 4.46 -13.75
CA LYS E 70 -15.59 3.91 -14.73
C LYS E 70 -17.04 4.16 -14.34
N ASN E 71 -17.34 4.15 -13.04
CA ASN E 71 -18.72 4.14 -12.58
C ASN E 71 -19.09 5.40 -11.78
N THR E 72 -18.36 6.49 -12.00
CA THR E 72 -18.73 7.80 -11.46
C THR E 72 -18.52 8.89 -12.51
N GLU F 1 -1.22 9.68 12.35
CA GLU F 1 -1.34 8.89 11.13
C GLU F 1 -2.79 8.51 10.83
N PRO F 2 -3.34 9.13 9.79
CA PRO F 2 -4.74 8.86 9.42
C PRO F 2 -4.89 7.75 8.40
N LYS F 3 -5.93 6.95 8.58
CA LYS F 3 -6.34 5.95 7.61
C LYS F 3 -7.86 5.97 7.51
N LEU F 4 -8.37 5.97 6.29
CA LEU F 4 -9.81 5.87 6.07
C LEU F 4 -10.18 4.40 5.96
N LEU F 5 -11.07 3.95 6.85
CA LEU F 5 -11.68 2.64 6.75
C LEU F 5 -13.04 2.76 6.07
N LEU F 6 -13.33 1.82 5.20
CA LEU F 6 -14.58 1.84 4.43
C LEU F 6 -15.50 0.78 5.02
N LYS F 7 -16.55 1.23 5.69
CA LYS F 7 -17.56 0.35 6.26
C LYS F 7 -18.74 0.30 5.31
N ILE F 8 -19.17 -0.90 4.94
CA ILE F 8 -20.32 -1.10 4.08
C ILE F 8 -21.28 -2.05 4.78
N ASN F 9 -22.52 -1.60 4.99
CA ASN F 9 -23.56 -2.40 5.62
C ASN F 9 -24.50 -2.85 4.51
N LEU F 10 -24.51 -4.15 4.25
CA LEU F 10 -25.38 -4.68 3.20
C LEU F 10 -26.81 -4.84 3.70
N SER G 5 -26.60 20.50 6.40
CA SER G 5 -25.80 19.71 7.33
C SER G 5 -24.46 19.29 6.72
N VAL G 6 -23.53 18.84 7.56
CA VAL G 6 -22.16 18.58 7.11
C VAL G 6 -22.11 17.32 6.25
N ASP G 7 -21.48 17.43 5.09
CA ASP G 7 -21.15 16.29 4.25
C ASP G 7 -20.07 15.47 4.96
N LEU G 8 -20.42 14.29 5.46
CA LEU G 8 -19.51 13.57 6.34
C LEU G 8 -18.35 12.95 5.58
N GLU G 9 -18.56 12.51 4.34
CA GLU G 9 -17.47 11.91 3.58
C GLU G 9 -16.45 12.97 3.18
N LYS G 10 -16.91 14.17 2.80
CA LYS G 10 -16.01 15.28 2.54
C LYS G 10 -15.22 15.64 3.80
N LEU G 11 -15.87 15.59 4.96
CA LEU G 11 -15.17 15.87 6.22
C LEU G 11 -14.12 14.80 6.50
N ALA G 12 -14.52 13.53 6.41
CA ALA G 12 -13.59 12.43 6.66
C ALA G 12 -12.36 12.54 5.75
N PHE G 13 -12.57 12.79 4.47
CA PHE G 13 -11.43 12.93 3.56
C PHE G 13 -10.58 14.13 3.95
N GLY G 14 -11.22 15.28 4.22
CA GLY G 14 -10.47 16.46 4.57
C GLY G 14 -9.63 16.27 5.82
N LEU G 15 -10.12 15.46 6.77
CA LEU G 15 -9.36 15.21 7.99
C LEU G 15 -8.04 14.49 7.70
N THR G 16 -7.99 13.71 6.62
CA THR G 16 -6.75 13.04 6.26
C THR G 16 -5.73 13.99 5.65
N LYS G 17 -6.11 15.22 5.33
CA LYS G 17 -5.19 16.20 4.76
C LYS G 17 -4.62 17.14 5.80
N LEU G 18 -5.08 17.04 7.05
CA LEU G 18 -4.50 17.81 8.13
C LEU G 18 -3.09 17.31 8.44
N ASN G 19 -2.19 18.23 8.77
CA ASN G 19 -0.90 17.79 9.24
C ASN G 19 -1.04 17.06 10.57
N GLU G 20 0.02 16.33 10.94
CA GLU G 20 -0.01 15.49 12.13
C GLU G 20 -0.44 16.26 13.38
N ASP G 21 0.17 17.42 13.62
CA ASP G 21 -0.15 18.16 14.84
C ASP G 21 -1.60 18.61 14.84
N ASP G 22 -2.11 19.07 13.69
CA ASP G 22 -3.51 19.48 13.61
C ASP G 22 -4.45 18.30 13.80
N LEU G 23 -4.09 17.14 13.26
CA LEU G 23 -4.96 15.98 13.42
C LEU G 23 -4.95 15.48 14.86
N VAL G 24 -3.80 15.55 15.53
CA VAL G 24 -3.73 15.24 16.95
C VAL G 24 -4.60 16.22 17.75
N GLY G 25 -4.63 17.48 17.32
CA GLY G 25 -5.50 18.45 17.96
C GLY G 25 -6.97 18.12 17.78
N VAL G 26 -7.34 17.61 16.60
CA VAL G 26 -8.71 17.16 16.40
C VAL G 26 -9.04 15.99 17.32
N VAL G 27 -8.11 15.03 17.43
CA VAL G 27 -8.30 13.88 18.29
C VAL G 27 -8.41 14.32 19.75
N GLN G 28 -7.57 15.28 20.16
CA GLN G 28 -7.65 15.84 21.51
C GLN G 28 -9.01 16.44 21.76
N MET G 29 -9.55 17.20 20.80
CA MET G 29 -10.80 17.89 21.07
C MET G 29 -11.96 16.89 21.07
N VAL G 30 -11.90 15.88 20.18
CA VAL G 30 -12.90 14.82 20.20
C VAL G 30 -12.87 14.07 21.52
N THR G 31 -11.66 13.72 21.98
CA THR G 31 -11.52 13.03 23.25
C THR G 31 -12.09 13.86 24.41
N ASP G 32 -11.82 15.18 24.42
CA ASP G 32 -12.31 16.01 25.51
C ASP G 32 -13.82 16.23 25.46
N ASN G 33 -14.43 16.12 24.29
CA ASN G 33 -15.86 16.37 24.15
C ASN G 33 -16.68 15.11 24.00
N LYS G 34 -16.06 13.94 23.98
CA LYS G 34 -16.79 12.75 23.56
C LYS G 34 -17.67 12.21 24.67
N THR G 35 -18.71 11.53 24.26
CA THR G 35 -19.64 10.78 25.09
C THR G 35 -19.72 9.38 24.52
N PRO G 36 -20.22 8.40 25.28
CA PRO G 36 -20.33 7.05 24.72
C PRO G 36 -21.21 6.98 23.48
N GLU G 37 -22.26 7.81 23.39
CA GLU G 37 -23.12 7.78 22.22
C GLU G 37 -22.41 8.26 20.96
N MET G 38 -21.26 8.91 21.09
CA MET G 38 -20.52 9.34 19.91
C MET G 38 -19.76 8.22 19.24
N ASN G 39 -19.64 7.06 19.89
CA ASN G 39 -19.09 5.85 19.27
C ASN G 39 -17.63 6.07 18.84
N VAL G 40 -16.89 6.81 19.64
CA VAL G 40 -15.46 7.00 19.40
C VAL G 40 -14.73 5.78 19.93
N THR G 41 -13.97 5.12 19.07
CA THR G 41 -13.12 4.02 19.49
C THR G 41 -11.76 4.58 19.87
N ASN G 42 -11.28 4.20 21.05
CA ASN G 42 -9.94 4.59 21.49
C ASN G 42 -9.31 3.39 22.20
N ASN G 43 -8.48 2.64 21.47
N ASN G 43 -8.48 2.66 21.47
CA ASN G 43 -7.72 1.57 22.10
CA ASN G 43 -7.68 1.58 22.06
C ASN G 43 -6.49 2.20 22.75
C ASN G 43 -6.49 2.24 22.75
N VAL G 44 -6.59 2.44 24.06
CA VAL G 44 -5.59 3.23 24.77
C VAL G 44 -4.24 2.54 24.79
N GLU G 45 -4.21 1.20 24.75
CA GLU G 45 -2.95 0.48 24.59
C GLU G 45 -2.19 0.95 23.36
N GLU G 46 -2.85 0.99 22.21
CA GLU G 46 -2.19 1.17 20.93
C GLU G 46 -2.10 2.62 20.48
N GLY G 47 -2.56 3.56 21.30
CA GLY G 47 -2.63 4.95 20.84
C GLY G 47 -3.46 5.09 19.59
N GLU G 48 -4.57 4.36 19.52
CA GLU G 48 -5.35 4.21 18.30
C GLU G 48 -6.75 4.75 18.51
N PHE G 49 -7.21 5.58 17.59
CA PHE G 49 -8.53 6.17 17.62
C PHE G 49 -9.26 5.82 16.33
N ILE G 50 -10.56 5.57 16.43
CA ILE G 50 -11.43 5.48 15.27
C ILE G 50 -12.60 6.42 15.48
N ILE G 51 -12.70 7.43 14.64
CA ILE G 51 -13.76 8.42 14.72
C ILE G 51 -14.87 8.02 13.74
N ASP G 52 -16.09 7.95 14.25
CA ASP G 52 -17.29 7.68 13.47
C ASP G 52 -18.04 9.00 13.39
N LEU G 53 -17.82 9.75 12.30
CA LEU G 53 -18.46 11.05 12.15
C LEU G 53 -19.97 10.95 12.14
N TYR G 54 -20.51 9.80 11.74
CA TYR G 54 -21.94 9.60 11.67
C TYR G 54 -22.60 9.58 13.05
N SER G 55 -21.84 9.36 14.11
CA SER G 55 -22.41 9.34 15.46
C SER G 55 -22.14 10.63 16.23
N LEU G 56 -21.47 11.60 15.62
CA LEU G 56 -21.13 12.87 16.25
C LEU G 56 -22.30 13.85 16.11
N PRO G 57 -22.51 14.73 17.09
CA PRO G 57 -23.59 15.71 16.96
C PRO G 57 -23.28 16.74 15.89
N GLU G 58 -24.33 17.39 15.40
CA GLU G 58 -24.18 18.29 14.26
C GLU G 58 -23.33 19.50 14.62
N GLY G 59 -23.56 20.08 15.80
CA GLY G 59 -22.76 21.23 16.21
C GLY G 59 -21.27 20.94 16.20
N LEU G 60 -20.88 19.75 16.67
CA LEU G 60 -19.48 19.37 16.65
C LEU G 60 -19.00 19.13 15.22
N LEU G 61 -19.83 18.50 14.39
CA LEU G 61 -19.48 18.24 13.00
C LEU G 61 -19.28 19.55 12.25
N LYS G 62 -20.13 20.54 12.50
CA LYS G 62 -20.00 21.84 11.86
C LYS G 62 -18.69 22.50 12.25
N SER G 63 -18.30 22.39 13.53
CA SER G 63 -17.03 22.96 13.97
C SER G 63 -15.85 22.24 13.33
N LEU G 64 -15.89 20.91 13.30
CA LEU G 64 -14.85 20.15 12.60
C LEU G 64 -14.73 20.58 11.14
N TRP G 65 -15.84 20.61 10.42
CA TRP G 65 -15.77 20.89 8.99
C TRP G 65 -15.28 22.32 8.74
N ASP G 66 -15.77 23.28 9.52
CA ASP G 66 -15.29 24.65 9.38
C ASP G 66 -13.78 24.70 9.54
N TYR G 67 -13.24 23.98 10.52
CA TYR G 67 -11.79 23.94 10.73
C TYR G 67 -11.09 23.20 9.60
N VAL G 68 -11.65 22.07 9.16
CA VAL G 68 -11.00 21.28 8.11
C VAL G 68 -11.02 22.04 6.79
N LYS G 69 -12.18 22.56 6.40
CA LYS G 69 -12.30 23.31 5.15
C LYS G 69 -11.29 24.45 5.07
N LYS G 70 -11.17 25.21 6.15
CA LYS G 70 -10.27 26.37 6.15
C LYS G 70 -8.79 25.95 6.11
N ASN G 71 -8.46 24.77 6.63
CA ASN G 71 -7.07 24.37 6.79
C ASN G 71 -6.62 23.31 5.79
N THR G 72 -7.47 22.92 4.84
CA THR G 72 -7.08 22.02 3.78
C THR G 72 -7.56 22.57 2.44
N GLU H 1 -25.32 3.30 3.71
CA GLU H 1 -24.70 1.99 3.53
C GLU H 1 -23.16 2.04 3.42
N PRO H 2 -22.58 2.99 2.65
CA PRO H 2 -21.14 3.24 2.81
C PRO H 2 -20.87 4.22 3.92
N LYS H 3 -19.93 3.88 4.82
CA LYS H 3 -19.51 4.80 5.86
C LYS H 3 -17.99 4.86 5.88
N LEU H 4 -17.46 6.07 5.91
CA LEU H 4 -16.03 6.27 6.07
C LEU H 4 -15.74 6.38 7.56
N LEU H 5 -14.86 5.50 8.05
CA LEU H 5 -14.36 5.56 9.41
C LEU H 5 -12.95 6.12 9.37
N LEU H 6 -12.66 7.08 10.25
CA LEU H 6 -11.34 7.70 10.32
C LEU H 6 -10.54 7.03 11.43
N LYS H 7 -9.53 6.25 11.04
CA LYS H 7 -8.60 5.63 11.98
C LYS H 7 -7.38 6.52 12.11
N ILE H 8 -6.98 6.81 13.34
CA ILE H 8 -5.80 7.63 13.63
C ILE H 8 -4.91 6.88 14.60
N ASN H 9 -3.65 6.71 14.22
CA ASN H 9 -2.67 5.98 15.03
C ASN H 9 -1.65 6.99 15.53
N LEU H 10 -1.60 7.18 16.85
CA LEU H 10 -0.66 8.14 17.44
C LEU H 10 0.72 7.51 17.61
#